data_2MYZ
#
_entry.id   2MYZ
#
_entity_poly.entity_id   1
_entity_poly.type   'polypeptide(L)'
_entity_poly.pdbx_seq_one_letter_code
;GE(CGU)(CGU)LA(CGU)NQ(CGU)FAR(CGU)LAN(NH2)
;
_entity_poly.pdbx_strand_id   A
#
# COMPACT_ATOMS: atom_id res chain seq x y z
N GLY A 1 9.66 2.59 -8.02
CA GLY A 1 9.33 3.43 -9.20
C GLY A 1 7.86 3.85 -9.13
N GLU A 2 7.27 4.19 -10.24
CA GLU A 2 5.84 4.62 -10.22
C GLU A 2 5.00 3.58 -9.49
N LEU A 5 4.47 4.44 -5.68
CA LEU A 5 3.47 5.54 -5.60
C LEU A 5 2.11 4.98 -5.22
N ALA A 6 1.71 3.89 -5.81
CA ALA A 6 0.38 3.30 -5.47
C ALA A 6 0.48 2.49 -4.17
N ASN A 8 1.69 3.03 -1.80
CA ASN A 8 1.51 4.05 -0.75
C ASN A 8 0.15 3.85 -0.06
N GLN A 9 -0.90 3.65 -0.81
CA GLN A 9 -2.24 3.47 -0.19
C GLN A 9 -2.43 2.00 0.19
N PHE A 11 -0.86 0.20 1.58
CA PHE A 11 -0.35 0.03 2.97
C PHE A 11 -1.51 -0.31 3.90
N ALA A 12 -2.62 0.40 3.78
CA ALA A 12 -3.78 0.11 4.67
C ALA A 12 -4.23 -1.35 4.52
N ARG A 13 -4.04 -1.92 3.36
CA ARG A 13 -4.46 -3.34 3.17
C ARG A 13 -3.34 -4.28 3.60
N LEU A 15 -1.76 -4.40 6.15
CA LEU A 15 -2.02 -4.86 7.54
C LEU A 15 -2.75 -6.21 7.52
N ALA A 16 -3.57 -6.41 6.52
CA ALA A 16 -4.31 -7.70 6.43
C ALA A 16 -3.36 -8.86 6.74
N ASN A 17 -2.09 -8.69 6.45
CA ASN A 17 -1.12 -9.78 6.73
C ASN A 17 -1.20 -10.17 8.20
N GLY A 1 8.53 4.86 -11.32
CA GLY A 1 8.23 6.02 -10.44
C GLY A 1 6.83 5.87 -9.85
N GLU A 2 5.90 5.43 -10.64
CA GLU A 2 4.50 5.26 -10.13
C GLU A 2 4.44 4.01 -9.24
N LEU A 5 4.45 4.75 -5.74
CA LEU A 5 3.16 5.47 -5.52
C LEU A 5 2.04 4.47 -5.24
N ALA A 6 2.13 3.29 -5.81
CA ALA A 6 1.06 2.28 -5.57
C ALA A 6 1.33 1.53 -4.26
N ASN A 8 2.10 2.46 -1.82
CA ASN A 8 1.49 3.36 -0.80
C ASN A 8 0.23 2.70 -0.21
N GLN A 9 -0.63 2.20 -1.05
CA GLN A 9 -1.87 1.55 -0.54
C GLN A 9 -1.56 0.13 -0.07
N PHE A 11 0.32 -0.94 1.55
CA PHE A 11 0.72 -0.90 2.98
C PHE A 11 -0.51 -0.71 3.88
N ALA A 12 -1.39 0.16 3.50
CA ALA A 12 -2.61 0.39 4.34
C ALA A 12 -3.48 -0.87 4.34
N ARG A 13 -3.56 -1.56 3.24
CA ARG A 13 -4.39 -2.80 3.20
C ARG A 13 -3.61 -3.96 3.82
N LEU A 15 -2.34 -4.28 6.59
CA LEU A 15 -2.83 -4.53 7.97
C LEU A 15 -3.91 -5.62 7.95
N ALA A 16 -4.66 -5.69 6.89
CA ALA A 16 -5.73 -6.73 6.81
C ALA A 16 -5.17 -8.07 7.29
N ASN A 17 -3.90 -8.30 7.10
CA ASN A 17 -3.29 -9.58 7.55
C ASN A 17 -4.31 -10.72 7.38
N GLY A 1 8.35 6.20 -11.01
CA GLY A 1 8.13 4.88 -10.35
C GLY A 1 6.75 4.87 -9.67
N GLU A 2 5.73 4.54 -10.42
CA GLU A 2 4.36 4.51 -9.82
C GLU A 2 4.28 3.37 -8.79
N LEU A 5 4.71 4.86 -5.28
CA LEU A 5 3.50 5.72 -5.15
C LEU A 5 2.27 4.84 -4.91
N ALA A 6 2.20 3.72 -5.55
CA ALA A 6 1.02 2.83 -5.37
C ALA A 6 1.19 2.00 -4.08
N ASN A 8 1.71 2.82 -1.46
CA ASN A 8 0.94 3.59 -0.47
C ASN A 8 -0.39 2.87 -0.18
N GLN A 9 -1.07 2.47 -1.21
CA GLN A 9 -2.37 1.77 -1.03
C GLN A 9 -2.12 0.34 -0.54
N PHE A 11 0.14 -0.55 1.24
CA PHE A 11 0.67 -0.43 2.61
C PHE A 11 -0.47 -0.24 3.61
N ALA A 12 -1.58 0.29 3.16
CA ALA A 12 -2.72 0.51 4.09
C ALA A 12 -3.52 -0.79 4.24
N ARG A 13 -3.68 -1.53 3.18
CA ARG A 13 -4.45 -2.81 3.27
C ARG A 13 -3.53 -3.93 3.76
N LEU A 15 -1.91 -4.25 6.31
CA LEU A 15 -2.22 -4.56 7.72
C LEU A 15 -3.26 -5.69 7.76
N ALA A 16 -4.14 -5.71 6.79
CA ALA A 16 -5.17 -6.78 6.74
C ALA A 16 -4.52 -8.14 6.96
N ASN A 17 -3.32 -8.31 6.45
CA ASN A 17 -2.63 -9.62 6.62
C ASN A 17 -2.31 -9.84 8.10
N GLY A 1 9.78 4.85 -10.58
CA GLY A 1 9.13 3.73 -9.87
C GLY A 1 7.76 4.17 -9.35
N GLU A 2 6.89 4.60 -10.21
CA GLU A 2 5.54 5.06 -9.76
C GLU A 2 4.84 3.90 -9.05
N LEU A 5 4.74 4.36 -5.40
CA LEU A 5 3.76 5.43 -5.04
C LEU A 5 2.36 4.81 -4.90
N ALA A 6 2.11 3.72 -5.57
CA ALA A 6 0.77 3.08 -5.46
C ALA A 6 0.71 2.23 -4.19
N ASN A 8 1.62 2.74 -1.68
CA ASN A 8 1.29 3.73 -0.64
C ASN A 8 -0.13 3.50 -0.12
N GLN A 9 -1.08 3.50 -1.02
CA GLN A 9 -2.49 3.29 -0.59
C GLN A 9 -2.68 1.83 -0.15
N PHE A 11 -0.75 0.17 1.50
CA PHE A 11 -0.25 0.08 2.90
C PHE A 11 -1.42 -0.23 3.84
N ALA A 12 -2.53 0.43 3.65
CA ALA A 12 -3.70 0.18 4.53
C ALA A 12 -4.14 -1.27 4.41
N ARG A 13 -3.92 -1.89 3.28
CA ARG A 13 -4.32 -3.31 3.11
C ARG A 13 -3.21 -4.23 3.63
N LEU A 15 -1.82 -4.31 6.36
CA LEU A 15 -2.20 -4.77 7.73
C LEU A 15 -2.95 -6.11 7.59
N ALA A 16 -3.70 -6.27 6.54
CA ALA A 16 -4.45 -7.54 6.35
C ALA A 16 -3.53 -8.73 6.63
N ASN A 17 -2.25 -8.53 6.57
CA ASN A 17 -1.31 -9.66 6.82
C ASN A 17 -1.00 -9.73 8.32
N GLY A 1 8.71 5.90 -11.23
CA GLY A 1 8.58 5.19 -9.91
C GLY A 1 7.12 5.24 -9.46
N GLU A 2 6.20 4.89 -10.32
CA GLU A 2 4.76 4.91 -9.93
C GLU A 2 4.44 3.68 -9.08
N LEU A 5 4.76 4.85 -5.34
CA LEU A 5 3.62 5.72 -4.95
C LEU A 5 2.37 4.88 -4.82
N ALA A 6 2.31 3.76 -5.50
CA ALA A 6 1.09 2.90 -5.41
C ALA A 6 1.16 2.03 -4.15
N ASN A 8 1.81 2.68 -1.57
CA ASN A 8 1.20 3.53 -0.53
C ASN A 8 -0.17 2.97 -0.13
N GLN A 9 -0.97 2.61 -1.09
CA GLN A 9 -2.32 2.06 -0.77
C GLN A 9 -2.21 0.58 -0.39
N PHE A 11 -0.24 -0.76 0.97
CA PHE A 11 0.41 -0.81 2.30
C PHE A 11 -0.62 -0.62 3.41
N ALA A 12 -1.69 0.09 3.13
CA ALA A 12 -2.72 0.31 4.18
C ALA A 12 -3.52 -0.98 4.40
N ARG A 13 -3.95 -1.61 3.34
CA ARG A 13 -4.75 -2.86 3.49
C ARG A 13 -3.83 -4.01 3.90
N LEU A 15 -1.88 -4.24 6.16
CA LEU A 15 -1.97 -4.44 7.64
C LEU A 15 -2.96 -5.56 7.94
N ALA A 16 -3.99 -5.68 7.15
CA ALA A 16 -5.00 -6.75 7.38
C ALA A 16 -4.29 -8.09 7.61
N ASN A 17 -3.24 -8.34 6.86
CA ASN A 17 -2.51 -9.63 7.03
C ASN A 17 -1.83 -9.66 8.39
N GLY A 1 8.92 3.41 -10.94
CA GLY A 1 8.68 4.20 -9.71
C GLY A 1 7.16 4.32 -9.48
N GLU A 2 6.37 3.95 -10.46
CA GLU A 2 4.90 4.04 -10.29
C GLU A 2 4.42 2.94 -9.35
N LEU A 5 4.72 4.25 -5.74
CA LEU A 5 3.76 5.37 -5.63
C LEU A 5 2.39 4.83 -5.20
N ALA A 6 2.03 3.68 -5.69
CA ALA A 6 0.71 3.09 -5.31
C ALA A 6 0.84 2.41 -3.94
N ASN A 8 1.90 3.33 -1.57
CA ASN A 8 1.55 4.41 -0.61
C ASN A 8 0.20 4.10 0.04
N GLN A 9 -0.79 3.80 -0.75
CA GLN A 9 -2.13 3.50 -0.18
C GLN A 9 -2.21 2.02 0.22
N PHE A 11 -0.63 0.44 1.91
CA PHE A 11 -0.37 0.36 3.36
C PHE A 11 -1.65 -0.01 4.10
N ALA A 12 -2.78 0.33 3.54
CA ALA A 12 -4.08 -0.01 4.22
C ALA A 12 -4.36 -1.50 4.10
N ARG A 13 -3.96 -2.12 3.02
CA ARG A 13 -4.21 -3.58 2.85
C ARG A 13 -3.10 -4.38 3.52
N LEU A 15 -2.02 -4.38 6.30
CA LEU A 15 -2.50 -4.87 7.62
C LEU A 15 -3.19 -6.22 7.41
N ALA A 16 -3.80 -6.40 6.28
CA ALA A 16 -4.49 -7.70 6.00
C ALA A 16 -3.58 -8.85 6.42
N ASN A 17 -2.31 -8.75 6.12
CA ASN A 17 -1.37 -9.83 6.51
C ASN A 17 -1.29 -9.93 8.03
N GLY A 1 7.90 8.02 -9.05
CA GLY A 1 7.74 6.87 -8.12
C GLY A 1 6.37 6.22 -8.34
N GLU A 2 6.00 6.04 -9.58
CA GLU A 2 4.67 5.41 -9.87
C GLU A 2 4.48 4.18 -8.99
N LEU A 5 3.89 5.03 -5.74
CA LEU A 5 2.59 5.74 -5.67
C LEU A 5 1.49 4.73 -5.37
N ALA A 6 1.61 3.54 -5.88
CA ALA A 6 0.57 2.51 -5.63
C ALA A 6 0.85 1.82 -4.29
N ASN A 8 1.49 2.86 -1.83
CA ASN A 8 0.78 3.72 -0.86
C ASN A 8 -0.42 2.98 -0.29
N GLN A 9 -1.23 2.39 -1.13
CA GLN A 9 -2.43 1.66 -0.63
C GLN A 9 -2.03 0.25 -0.20
N PHE A 11 0.31 -0.57 1.37
CA PHE A 11 0.88 -0.46 2.72
C PHE A 11 -0.23 -0.27 3.76
N ALA A 12 -1.30 0.38 3.39
CA ALA A 12 -2.41 0.60 4.35
C ALA A 12 -3.24 -0.68 4.47
N ARG A 13 -3.40 -1.40 3.40
CA ARG A 13 -4.20 -2.66 3.44
C ARG A 13 -3.33 -3.84 3.88
N LEU A 15 -1.72 -4.41 6.40
CA LEU A 15 -2.08 -4.83 7.79
C LEU A 15 -3.21 -5.85 7.73
N ALA A 16 -4.07 -5.75 6.76
CA ALA A 16 -5.20 -6.71 6.64
C ALA A 16 -4.67 -8.13 6.85
N ASN A 17 -3.45 -8.39 6.49
CA ASN A 17 -2.88 -9.76 6.68
C ASN A 17 -1.37 -9.66 6.93
N GLY A 1 9.54 6.05 -8.93
CA GLY A 1 9.00 4.71 -9.30
C GLY A 1 7.47 4.73 -9.24
N GLU A 2 6.83 4.71 -10.37
CA GLU A 2 5.34 4.74 -10.38
C GLU A 2 4.81 3.46 -9.73
N LEU A 5 4.63 4.42 -5.72
CA LEU A 5 3.59 5.44 -5.41
C LEU A 5 2.26 4.74 -5.11
N ALA A 6 2.02 3.61 -5.70
CA ALA A 6 0.75 2.89 -5.44
C ALA A 6 0.85 2.08 -4.14
N ASN A 8 1.73 2.83 -1.63
CA ASN A 8 1.20 3.79 -0.63
C ASN A 8 -0.21 3.37 -0.20
N GLN A 9 -1.07 3.12 -1.16
CA GLN A 9 -2.46 2.70 -0.81
C GLN A 9 -2.43 1.33 -0.15
N PHE A 11 -0.46 0.07 1.71
CA PHE A 11 -0.04 0.28 3.11
C PHE A 11 -1.22 0.18 4.09
N ALA A 12 -2.41 0.46 3.65
CA ALA A 12 -3.57 0.40 4.59
C ALA A 12 -4.05 -1.03 4.79
N ARG A 13 -4.29 -1.74 3.73
CA ARG A 13 -4.80 -3.15 3.85
C ARG A 13 -3.65 -4.13 4.09
N LEU A 15 -1.64 -4.43 6.21
CA LEU A 15 -1.71 -4.91 7.62
C LEU A 15 -2.67 -6.09 7.69
N ALA A 16 -3.65 -6.11 6.83
CA ALA A 16 -4.62 -7.24 6.83
C ALA A 16 -3.87 -8.57 6.92
N ASN A 17 -2.76 -8.68 6.24
CA ASN A 17 -1.98 -9.95 6.29
C ASN A 17 -1.35 -10.12 7.68
N GLY A 1 8.54 6.03 -12.07
CA GLY A 1 8.54 4.98 -11.02
C GLY A 1 7.36 5.18 -10.08
N GLU A 2 6.16 5.05 -10.58
CA GLU A 2 4.97 5.24 -9.71
C GLU A 2 4.76 4.00 -8.84
N LEU A 5 4.25 4.95 -5.42
CA LEU A 5 2.95 5.66 -5.33
C LEU A 5 1.83 4.65 -5.06
N ALA A 6 1.88 3.52 -5.69
CA ALA A 6 0.81 2.50 -5.47
C ALA A 6 1.09 1.73 -4.18
N ASN A 8 1.81 2.62 -1.70
CA ASN A 8 1.16 3.47 -0.67
C ASN A 8 -0.11 2.76 -0.15
N GLN A 9 -0.95 2.33 -1.04
CA GLN A 9 -2.20 1.63 -0.62
C GLN A 9 -1.88 0.21 -0.15
N PHE A 11 0.21 -0.81 1.34
CA PHE A 11 0.74 -0.73 2.71
C PHE A 11 -0.41 -0.52 3.70
N ALA A 12 -1.41 0.21 3.32
CA ALA A 12 -2.56 0.43 4.24
C ALA A 12 -3.39 -0.84 4.34
N ARG A 13 -3.53 -1.55 3.26
CA ARG A 13 -4.34 -2.81 3.28
C ARG A 13 -3.48 -3.96 3.83
N LEU A 15 -2.08 -4.30 6.42
CA LEU A 15 -2.51 -4.58 7.82
C LEU A 15 -3.60 -5.66 7.80
N ALA A 16 -4.38 -5.69 6.76
CA ALA A 16 -5.46 -6.72 6.67
C ALA A 16 -4.91 -8.08 7.09
N ASN A 17 -3.63 -8.28 6.94
CA ASN A 17 -3.02 -9.59 7.32
C ASN A 17 -2.28 -9.43 8.65
N GLY A 1 8.92 4.51 -9.85
CA GLY A 1 8.09 5.50 -9.11
C GLY A 1 6.61 5.08 -9.16
N GLU A 2 6.06 5.01 -10.35
CA GLU A 2 4.63 4.60 -10.47
C GLU A 2 4.36 3.41 -9.56
N LEU A 5 4.42 4.93 -5.64
CA LEU A 5 3.17 5.72 -5.48
C LEU A 5 2.00 4.78 -5.17
N ALA A 6 2.01 3.62 -5.78
CA ALA A 6 0.90 2.66 -5.54
C ALA A 6 1.16 1.88 -4.24
N ASN A 8 1.92 2.75 -1.77
CA ASN A 8 1.30 3.62 -0.74
C ASN A 8 0.02 2.95 -0.21
N GLN A 9 -0.84 2.51 -1.09
CA GLN A 9 -2.10 1.86 -0.62
C GLN A 9 -1.83 0.41 -0.23
N PHE A 11 0.34 -0.66 1.36
CA PHE A 11 0.88 -0.66 2.74
C PHE A 11 -0.26 -0.49 3.75
N ALA A 12 -1.33 0.13 3.35
CA ALA A 12 -2.47 0.33 4.28
C ALA A 12 -3.34 -0.93 4.34
N ARG A 13 -3.46 -1.63 3.24
CA ARG A 13 -4.30 -2.86 3.23
C ARG A 13 -3.46 -4.03 3.75
N LEU A 15 -1.95 -4.40 6.34
CA LEU A 15 -2.33 -4.66 7.76
C LEU A 15 -3.46 -5.68 7.79
N ALA A 16 -4.30 -5.68 6.80
CA ALA A 16 -5.44 -6.64 6.77
C ALA A 16 -4.93 -8.03 7.16
N ASN A 17 -3.70 -8.33 6.85
CA ASN A 17 -3.15 -9.68 7.22
C ASN A 17 -1.90 -9.49 8.07
N GLY A 1 8.98 6.40 -9.14
CA GLY A 1 8.21 5.46 -9.99
C GLY A 1 6.78 5.34 -9.47
N GLU A 2 5.82 5.23 -10.35
CA GLU A 2 4.41 5.12 -9.91
C GLU A 2 4.25 3.88 -9.02
N LEU A 5 5.06 4.62 -5.55
CA LEU A 5 3.98 5.55 -5.10
C LEU A 5 2.69 4.76 -4.87
N ALA A 6 2.51 3.67 -5.55
CA ALA A 6 1.27 2.87 -5.36
C ALA A 6 1.40 1.98 -4.12
N ASN A 8 2.11 2.62 -1.51
CA ASN A 8 1.47 3.44 -0.45
C ASN A 8 0.09 2.86 -0.12
N GLN A 9 -0.73 2.68 -1.11
CA GLN A 9 -2.10 2.14 -0.87
C GLN A 9 -2.01 0.69 -0.38
N PHE A 11 -0.14 -0.74 1.46
CA PHE A 11 0.09 -0.70 2.92
C PHE A 11 -1.23 -0.70 3.70
N ALA A 12 -2.10 0.22 3.40
CA ALA A 12 -3.40 0.31 4.14
C ALA A 12 -4.09 -1.06 4.22
N ARG A 13 -4.10 -1.82 3.17
CA ARG A 13 -4.80 -3.13 3.20
C ARG A 13 -3.88 -4.25 3.71
N LEU A 15 -1.87 -4.41 5.81
CA LEU A 15 -1.92 -4.45 7.30
C LEU A 15 -2.95 -5.50 7.74
N ALA A 16 -4.01 -5.64 6.99
CA ALA A 16 -5.06 -6.65 7.36
C ALA A 16 -4.38 -7.96 7.78
N ASN A 17 -3.20 -8.22 7.28
CA ASN A 17 -2.50 -9.47 7.65
C ASN A 17 -3.50 -10.64 7.67
N GLY A 1 8.88 4.22 -9.89
CA GLY A 1 8.00 5.42 -9.90
C GLY A 1 6.56 5.00 -9.61
N GLU A 2 5.78 4.79 -10.65
CA GLU A 2 4.37 4.38 -10.44
C GLU A 2 4.31 3.24 -9.40
N LEU A 5 4.39 4.86 -5.81
CA LEU A 5 3.07 5.54 -5.65
C LEU A 5 2.01 4.51 -5.27
N ALA A 6 2.16 3.29 -5.72
CA ALA A 6 1.15 2.25 -5.40
C ALA A 6 1.43 1.69 -4.00
N ASN A 8 1.94 2.94 -1.62
CA ASN A 8 1.17 3.85 -0.72
C ASN A 8 -0.03 3.08 -0.14
N GLN A 9 -0.84 2.50 -0.98
CA GLN A 9 -2.03 1.76 -0.47
C GLN A 9 -1.60 0.39 0.07
N PHE A 11 0.31 -0.33 1.92
CA PHE A 11 0.59 -0.18 3.37
C PHE A 11 -0.72 -0.20 4.17
N ALA A 12 -1.75 0.42 3.65
CA ALA A 12 -3.05 0.43 4.38
C ALA A 12 -3.73 -0.94 4.28
N ARG A 13 -3.55 -1.62 3.19
CA ARG A 13 -4.20 -2.96 3.03
C ARG A 13 -3.31 -4.04 3.67
N LEU A 15 -2.25 -4.29 6.52
CA LEU A 15 -2.85 -4.64 7.83
C LEU A 15 -3.83 -5.78 7.62
N ALA A 16 -4.48 -5.82 6.49
CA ALA A 16 -5.45 -6.90 6.21
C ALA A 16 -4.85 -8.26 6.61
N ASN A 17 -3.60 -8.47 6.27
CA ASN A 17 -2.94 -9.75 6.62
C ASN A 17 -3.97 -10.89 6.58
N GLY A 1 8.71 6.11 -10.47
CA GLY A 1 8.27 6.03 -9.05
C GLY A 1 6.78 5.72 -8.99
N GLU A 2 6.19 5.34 -10.10
CA GLU A 2 4.73 5.03 -10.10
C GLU A 2 4.47 3.78 -9.27
N LEU A 5 4.36 4.91 -5.65
CA LEU A 5 3.17 5.81 -5.53
C LEU A 5 1.93 4.97 -5.22
N ALA A 6 1.85 3.79 -5.75
CA ALA A 6 0.65 2.94 -5.49
C ALA A 6 0.82 2.20 -4.16
N ASN A 8 1.41 3.13 -1.61
CA ASN A 8 0.72 4.00 -0.62
C ASN A 8 -0.57 3.34 -0.14
N GLN A 9 -1.37 2.85 -1.04
CA GLN A 9 -2.66 2.21 -0.63
C GLN A 9 -2.42 0.74 -0.29
N PHE A 11 -0.12 -0.42 1.20
CA PHE A 11 0.55 -0.45 2.52
C PHE A 11 -0.48 -0.36 3.64
N ALA A 12 -1.59 0.28 3.39
CA ALA A 12 -2.63 0.42 4.45
C ALA A 12 -3.46 -0.87 4.55
N ARG A 13 -3.73 -1.51 3.44
CA ARG A 13 -4.54 -2.76 3.49
C ARG A 13 -3.63 -3.96 3.77
N LEU A 15 -1.67 -4.50 6.05
CA LEU A 15 -1.78 -4.88 7.49
C LEU A 15 -2.82 -5.99 7.64
N ALA A 16 -3.83 -5.98 6.83
CA ALA A 16 -4.88 -7.04 6.92
C ALA A 16 -4.23 -8.40 7.09
N ASN A 17 -2.96 -8.52 6.77
CA ASN A 17 -2.27 -9.83 6.91
C ASN A 17 -1.16 -9.72 7.95
N GLY A 1 8.51 2.80 -11.04
CA GLY A 1 8.58 3.79 -9.93
C GLY A 1 7.17 4.04 -9.38
N GLU A 2 6.19 4.10 -10.24
CA GLU A 2 4.79 4.34 -9.78
C GLU A 2 4.40 3.25 -8.78
N LEU A 5 5.11 4.34 -5.46
CA LEU A 5 4.19 5.46 -5.12
C LEU A 5 2.78 4.92 -4.86
N ALA A 6 2.44 3.82 -5.48
CA ALA A 6 1.08 3.24 -5.27
C ALA A 6 1.06 2.46 -3.95
N ASN A 8 1.80 3.22 -1.38
CA ASN A 8 1.28 4.21 -0.41
C ASN A 8 -0.16 3.85 -0.04
N GLN A 9 -0.99 3.60 -1.02
CA GLN A 9 -2.41 3.26 -0.73
C GLN A 9 -2.48 1.83 -0.18
N PHE A 11 -0.83 0.46 1.65
CA PHE A 11 -0.48 0.51 3.10
C PHE A 11 -1.69 0.10 3.94
N ALA A 12 -2.87 0.46 3.53
CA ALA A 12 -4.08 0.09 4.32
C ALA A 12 -4.40 -1.39 4.16
N ARG A 13 -4.00 -1.98 3.06
CA ARG A 13 -4.28 -3.43 2.85
C ARG A 13 -3.18 -4.28 3.49
N LEU A 15 -1.96 -4.26 6.21
CA LEU A 15 -2.38 -4.69 7.56
C LEU A 15 -3.02 -6.08 7.47
N ALA A 16 -3.68 -6.36 6.39
CA ALA A 16 -4.33 -7.69 6.23
C ALA A 16 -3.31 -8.79 6.55
N ASN A 17 -2.11 -8.65 6.06
CA ASN A 17 -1.07 -9.68 6.34
C ASN A 17 -0.20 -9.23 7.51
N GLY A 1 9.12 5.02 -11.52
CA GLY A 1 9.18 5.08 -10.03
C GLY A 1 7.79 5.40 -9.46
N GLU A 2 6.79 5.35 -10.29
CA GLU A 2 5.41 5.66 -9.80
C GLU A 2 4.82 4.42 -9.12
N LEU A 5 4.39 4.56 -5.58
CA LEU A 5 3.27 5.49 -5.29
C LEU A 5 2.00 4.69 -4.99
N ALA A 6 1.79 3.63 -5.71
CA ALA A 6 0.56 2.80 -5.48
C ALA A 6 0.78 1.90 -4.26
N ASN A 8 1.71 2.49 -1.73
CA ASN A 8 1.18 3.31 -0.60
C ASN A 8 -0.14 2.72 -0.12
N GLN A 9 -1.04 2.43 -1.03
CA GLN A 9 -2.34 1.85 -0.62
C GLN A 9 -2.15 0.39 -0.26
N PHE A 11 0.03 -0.81 1.20
CA PHE A 11 0.63 -0.82 2.54
C PHE A 11 -0.45 -0.61 3.60
N ALA A 12 -1.48 0.12 3.27
CA ALA A 12 -2.56 0.38 4.26
C ALA A 12 -3.45 -0.86 4.38
N ARG A 13 -3.63 -1.60 3.32
CA ARG A 13 -4.48 -2.82 3.39
C ARG A 13 -3.64 -4.01 3.85
N LEU A 15 -1.88 -4.35 6.37
CA LEU A 15 -2.14 -4.60 7.82
C LEU A 15 -3.23 -5.67 7.96
N ALA A 16 -4.18 -5.67 7.06
CA ALA A 16 -5.26 -6.68 7.13
C ALA A 16 -4.68 -8.06 7.41
N ASN A 17 -3.38 -8.20 7.27
CA ASN A 17 -2.74 -9.52 7.53
C ASN A 17 -2.06 -9.51 8.90
N GLY A 1 9.74 6.09 -10.28
CA GLY A 1 9.24 5.04 -9.36
C GLY A 1 7.73 5.23 -9.13
N GLU A 2 6.93 4.95 -10.14
CA GLU A 2 5.46 5.11 -9.97
C GLU A 2 4.88 3.88 -9.27
N LEU A 5 4.33 4.57 -5.75
CA LEU A 5 3.24 5.59 -5.63
C LEU A 5 1.92 4.89 -5.28
N ALA A 6 1.66 3.75 -5.88
CA ALA A 6 0.38 3.04 -5.60
C ALA A 6 0.52 2.24 -4.29
N ASN A 8 1.63 2.92 -1.90
CA ASN A 8 1.30 3.93 -0.86
C ASN A 8 -0.03 3.60 -0.21
N GLN A 9 -1.04 3.38 -1.00
CA GLN A 9 -2.38 3.05 -0.43
C GLN A 9 -2.40 1.61 0.05
N PHE A 11 -0.46 0.09 1.59
CA PHE A 11 0.05 0.07 2.98
C PHE A 11 -1.11 -0.20 3.95
N ALA A 12 -2.24 0.39 3.71
CA ALA A 12 -3.41 0.19 4.62
C ALA A 12 -3.92 -1.25 4.50
N ARG A 13 -3.70 -1.88 3.38
CA ARG A 13 -4.19 -3.28 3.23
C ARG A 13 -3.15 -4.26 3.78
N LEU A 15 -1.75 -4.40 6.44
CA LEU A 15 -2.17 -4.79 7.82
C LEU A 15 -3.03 -6.06 7.73
N ALA A 16 -3.79 -6.17 6.67
CA ALA A 16 -4.65 -7.37 6.50
C ALA A 16 -3.83 -8.62 6.78
N ASN A 17 -2.62 -8.66 6.30
CA ASN A 17 -1.76 -9.86 6.53
C ASN A 17 -1.63 -10.11 8.03
N GLY A 1 8.98 5.23 -8.09
CA GLY A 1 8.41 5.75 -9.37
C GLY A 1 6.88 5.64 -9.33
N GLU A 2 6.29 5.11 -10.36
CA GLU A 2 4.81 4.98 -10.38
C GLU A 2 4.39 3.75 -9.56
N LEU A 5 4.63 4.76 -5.43
CA LEU A 5 3.44 5.58 -5.06
C LEU A 5 2.23 4.66 -4.90
N ALA A 6 2.23 3.53 -5.57
CA ALA A 6 1.07 2.61 -5.46
C ALA A 6 1.20 1.77 -4.18
N ASN A 8 1.79 2.50 -1.59
CA ASN A 8 1.10 3.32 -0.58
C ASN A 8 -0.24 2.67 -0.21
N GLN A 9 -1.02 2.34 -1.20
CA GLN A 9 -2.35 1.71 -0.93
C GLN A 9 -2.16 0.26 -0.47
N PHE A 11 0.03 -0.89 1.11
CA PHE A 11 0.62 -0.86 2.47
C PHE A 11 -0.46 -0.59 3.52
N ALA A 12 -1.26 0.41 3.31
CA ALA A 12 -2.33 0.72 4.30
C ALA A 12 -3.22 -0.51 4.52
N ARG A 13 -3.46 -1.25 3.47
CA ARG A 13 -4.34 -2.47 3.61
C ARG A 13 -3.51 -3.68 4.04
N LEU A 15 -1.97 -4.35 6.49
CA LEU A 15 -2.31 -4.73 7.88
C LEU A 15 -3.40 -5.80 7.86
N ALA A 16 -4.30 -5.73 6.91
CA ALA A 16 -5.38 -6.75 6.83
C ALA A 16 -4.78 -8.14 7.04
N ASN A 17 -3.49 -8.27 6.92
CA ASN A 17 -2.86 -9.61 7.11
C ASN A 17 -1.71 -9.50 8.11
N GLY A 1 9.27 4.33 -10.79
CA GLY A 1 8.79 5.13 -9.63
C GLY A 1 7.27 4.98 -9.50
N GLU A 2 6.60 4.74 -10.60
CA GLU A 2 5.12 4.58 -10.54
C GLU A 2 4.77 3.36 -9.69
N LEU A 5 4.34 4.61 -5.77
CA LEU A 5 3.08 5.41 -5.75
C LEU A 5 1.92 4.53 -5.31
N ALA A 6 1.89 3.30 -5.75
CA ALA A 6 0.77 2.40 -5.37
C ALA A 6 1.03 1.79 -3.99
N ASN A 8 1.75 2.95 -1.59
CA ASN A 8 1.11 3.92 -0.67
C ASN A 8 -0.16 3.29 -0.06
N GLN A 9 -1.05 2.82 -0.89
CA GLN A 9 -2.31 2.23 -0.37
C GLN A 9 -2.09 0.76 0.02
N PHE A 11 -0.21 -0.47 1.38
CA PHE A 11 0.38 -0.46 2.73
C PHE A 11 -0.71 -0.31 3.79
N ALA A 12 -1.78 0.36 3.47
CA ALA A 12 -2.88 0.53 4.47
C ALA A 12 -3.63 -0.78 4.65
N ARG A 13 -3.91 -1.48 3.59
CA ARG A 13 -4.66 -2.76 3.71
C ARG A 13 -3.69 -3.90 4.02
N LEU A 15 -1.80 -4.41 6.34
CA LEU A 15 -1.97 -4.85 7.75
C LEU A 15 -3.03 -5.95 7.81
N ALA A 16 -3.98 -5.90 6.92
CA ALA A 16 -5.04 -6.94 6.90
C ALA A 16 -4.39 -8.34 6.94
N ASN A 17 -3.24 -8.48 6.33
CA ASN A 17 -2.56 -9.80 6.34
C ASN A 17 -1.96 -10.07 7.72
N GLY A 1 9.16 4.83 -6.63
CA GLY A 1 8.96 5.42 -7.98
C GLY A 1 7.48 5.44 -8.32
N GLU A 2 7.12 4.95 -9.48
CA GLU A 2 5.68 4.93 -9.87
C GLU A 2 4.99 3.73 -9.21
N LEU A 5 4.42 4.35 -5.71
CA LEU A 5 3.44 5.46 -5.59
C LEU A 5 2.06 4.88 -5.23
N ALA A 6 1.71 3.76 -5.80
CA ALA A 6 0.38 3.16 -5.49
C ALA A 6 0.46 2.38 -4.18
N ASN A 8 1.55 3.04 -1.75
CA ASN A 8 1.25 4.07 -0.72
C ASN A 8 -0.11 3.78 -0.10
N GLN A 9 -1.11 3.52 -0.92
CA GLN A 9 -2.46 3.24 -0.37
C GLN A 9 -2.54 1.78 0.08
N PHE A 11 -0.72 0.17 1.52
CA PHE A 11 -0.19 0.09 2.90
C PHE A 11 -1.32 -0.23 3.88
N ALA A 12 -2.43 0.47 3.77
CA ALA A 12 -3.57 0.21 4.69
C ALA A 12 -4.01 -1.25 4.58
N ARG A 13 -3.86 -1.86 3.43
CA ARG A 13 -4.27 -3.27 3.28
C ARG A 13 -3.14 -4.21 3.72
N LEU A 15 -1.59 -4.40 6.26
CA LEU A 15 -1.90 -4.89 7.62
C LEU A 15 -2.77 -6.15 7.51
N ALA A 16 -3.57 -6.23 6.47
CA ALA A 16 -4.44 -7.43 6.30
C ALA A 16 -3.62 -8.69 6.53
N ASN A 17 -2.32 -8.60 6.41
CA ASN A 17 -1.48 -9.81 6.62
C ASN A 17 -0.06 -9.38 6.98
#